data_1UUN
#
_entry.id   1UUN
#
_cell.length_a   113.860
_cell.length_b   113.860
_cell.length_c   229.300
_cell.angle_alpha   90.00
_cell.angle_beta   90.00
_cell.angle_gamma   90.00
#
_symmetry.space_group_name_H-M   'I 4 2 2'
#
loop_
_entity.id
_entity.type
_entity.pdbx_description
1 polymer MSPA
2 water water
#
_entity_poly.entity_id   1
_entity_poly.type   'polypeptide(L)'
_entity_poly.pdbx_seq_one_letter_code
;GLDNELSLVDGQDRTLTVQQWDTFLNGVFPLDRNRLTREWFHSGRAKYIVAGPGADEFEGTLELGYQIGFPWSLGVGINF
SYTTPNILIDDGDITRPPFGLNSVITPNLFPGVSISADLGNGPGIQEVATFSVDVSGAEGGVAVSNAHGTVTGAAGGVLL
RPFARLIASTGDSVTTYGEPWNMN
;
_entity_poly.pdbx_strand_id   A,B
#
# COMPACT_ATOMS: atom_id res chain seq x y z
N GLY A 1 -17.50 2.19 24.86
CA GLY A 1 -17.41 2.93 26.16
C GLY A 1 -16.09 3.69 26.26
N LEU A 2 -15.82 4.28 27.42
CA LEU A 2 -14.54 4.94 27.67
C LEU A 2 -13.40 3.92 27.74
N ASP A 3 -12.41 4.03 26.86
CA ASP A 3 -11.25 3.12 26.90
C ASP A 3 -10.13 3.59 27.82
N ASN A 4 -9.86 4.89 27.79
CA ASN A 4 -8.72 5.48 28.49
C ASN A 4 -8.80 7.01 28.39
N GLU A 5 -8.05 7.65 29.29
CA GLU A 5 -8.21 9.05 29.60
C GLU A 5 -6.93 9.62 30.19
N LEU A 6 -6.66 10.90 29.94
CA LEU A 6 -5.57 11.61 30.65
C LEU A 6 -5.82 13.11 30.77
N SER A 7 -5.40 13.67 31.91
CA SER A 7 -5.59 15.08 32.23
C SER A 7 -4.26 15.79 32.49
N LEU A 8 -4.23 17.09 32.17
CA LEU A 8 -3.08 17.94 32.40
C LEU A 8 -3.52 19.35 32.85
N VAL A 9 -2.95 19.81 33.95
CA VAL A 9 -3.08 21.21 34.32
C VAL A 9 -2.07 21.93 33.45
N ASP A 10 -2.56 22.74 32.49
CA ASP A 10 -1.68 23.34 31.48
C ASP A 10 -0.97 24.61 31.98
N GLY A 11 -0.27 25.29 31.09
CA GLY A 11 0.59 26.41 31.46
C GLY A 11 -0.15 27.70 31.82
N GLN A 12 -1.46 27.73 31.61
CA GLN A 12 -2.24 28.90 32.05
C GLN A 12 -3.44 28.47 32.90
N ASP A 13 -3.22 27.38 33.65
CA ASP A 13 -4.14 26.89 34.66
C ASP A 13 -5.47 26.28 34.21
N ARG A 14 -5.55 25.89 32.94
CA ARG A 14 -6.73 25.17 32.44
C ARG A 14 -6.48 23.69 32.63
N THR A 15 -7.51 22.96 33.04
CA THR A 15 -7.43 21.50 33.06
C THR A 15 -7.88 20.98 31.68
N LEU A 16 -6.97 20.28 31.02
CA LEU A 16 -7.22 19.71 29.70
C LEU A 16 -7.35 18.22 29.86
N THR A 17 -8.47 17.68 29.38
CA THR A 17 -8.69 16.24 29.40
C THR A 17 -8.93 15.79 27.97
N VAL A 18 -8.23 14.71 27.57
CA VAL A 18 -8.43 14.05 26.28
C VAL A 18 -8.83 12.59 26.56
N GLN A 19 -9.76 12.04 25.76
CA GLN A 19 -10.27 10.67 25.97
C GLN A 19 -10.42 9.89 24.67
N GLN A 20 -10.30 8.55 24.78
CA GLN A 20 -10.55 7.61 23.69
C GLN A 20 -11.76 6.77 24.00
N TRP A 21 -12.71 6.72 23.08
CA TRP A 21 -13.93 5.94 23.27
C TRP A 21 -14.10 4.94 22.14
N ASP A 22 -14.76 3.81 22.42
CA ASP A 22 -15.26 2.86 21.42
C ASP A 22 -14.19 2.42 20.43
N THR A 23 -12.96 2.21 20.89
CA THR A 23 -11.91 1.91 19.91
C THR A 23 -11.90 0.46 19.44
N PHE A 24 -11.88 0.31 18.12
CA PHE A 24 -11.84 -0.99 17.44
C PHE A 24 -10.81 -0.92 16.32
N LEU A 25 -9.80 -1.79 16.38
CA LEU A 25 -8.87 -2.01 15.28
C LEU A 25 -9.12 -3.41 14.74
N ASN A 26 -9.79 -3.47 13.58
CA ASN A 26 -10.31 -4.70 13.01
C ASN A 26 -9.40 -5.27 11.91
N GLY A 27 -8.55 -6.23 12.26
CA GLY A 27 -7.66 -6.90 11.32
C GLY A 27 -8.41 -7.81 10.39
N VAL A 28 -8.18 -7.70 9.08
CA VAL A 28 -8.85 -8.58 8.11
C VAL A 28 -7.83 -9.33 7.26
N PHE A 29 -8.27 -10.41 6.61
CA PHE A 29 -7.48 -11.10 5.61
C PHE A 29 -7.14 -10.10 4.48
N PRO A 30 -5.86 -10.00 4.09
CA PRO A 30 -5.42 -8.92 3.19
C PRO A 30 -5.95 -9.06 1.78
N LEU A 31 -6.51 -7.98 1.25
CA LEU A 31 -6.98 -7.88 -0.12
C LEU A 31 -5.99 -8.42 -1.17
N ASP A 32 -4.69 -8.29 -0.90
CA ASP A 32 -3.65 -8.70 -1.85
C ASP A 32 -3.18 -10.15 -1.63
N ARG A 33 -3.79 -10.84 -0.68
CA ARG A 33 -3.43 -12.22 -0.37
C ARG A 33 -1.92 -12.44 -0.23
N ASN A 34 -1.24 -11.47 0.37
CA ASN A 34 0.24 -11.44 0.50
C ASN A 34 0.56 -11.66 1.97
N ARG A 35 1.34 -12.70 2.28
CA ARG A 35 1.64 -13.01 3.69
C ARG A 35 2.47 -11.94 4.41
N LEU A 36 3.08 -11.03 3.65
CA LEU A 36 3.83 -9.90 4.22
C LEU A 36 2.97 -8.62 4.39
N THR A 37 1.69 -8.71 4.02
CA THR A 37 0.78 -7.60 4.14
C THR A 37 -0.11 -7.75 5.37
N ARG A 38 -0.37 -6.63 6.03
CA ARG A 38 -1.40 -6.56 7.06
C ARG A 38 -2.35 -5.42 6.71
N GLU A 39 -3.63 -5.62 7.01
CA GLU A 39 -4.69 -4.67 6.66
C GLU A 39 -5.76 -4.62 7.77
N TRP A 40 -6.30 -3.43 8.05
CA TRP A 40 -7.23 -3.24 9.18
C TRP A 40 -8.13 -2.00 9.03
N PHE A 41 -9.15 -1.96 9.88
CA PHE A 41 -10.10 -0.86 9.94
C PHE A 41 -10.14 -0.27 11.34
N HIS A 42 -10.04 1.05 11.40
CA HIS A 42 -9.97 1.78 12.65
C HIS A 42 -11.30 2.50 12.89
N SER A 43 -11.92 2.22 14.01
CA SER A 43 -13.09 2.97 14.49
C SER A 43 -12.80 3.48 15.90
N GLY A 44 -13.43 4.61 16.25
CA GLY A 44 -13.28 5.19 17.58
C GLY A 44 -13.75 6.62 17.68
N ARG A 45 -13.71 7.16 18.89
CA ARG A 45 -14.01 8.58 19.10
C ARG A 45 -12.97 9.20 19.98
N ALA A 46 -12.68 10.47 19.70
CA ALA A 46 -11.85 11.26 20.58
C ALA A 46 -12.71 12.39 21.15
N LYS A 47 -12.68 12.52 22.47
CA LYS A 47 -13.34 13.62 23.17
C LYS A 47 -12.34 14.46 23.97
N TYR A 48 -12.67 15.73 24.16
CA TYR A 48 -11.92 16.59 25.05
C TYR A 48 -12.85 17.39 25.96
N ILE A 49 -12.29 17.81 27.10
CA ILE A 49 -12.93 18.72 28.05
C ILE A 49 -11.87 19.74 28.46
N VAL A 50 -12.25 21.03 28.52
CA VAL A 50 -11.39 22.02 29.17
C VAL A 50 -12.11 22.84 30.26
N ALA A 51 -11.50 22.86 31.45
CA ALA A 51 -12.03 23.54 32.66
C ALA A 51 -11.04 24.61 33.17
N GLY A 52 -11.58 25.60 33.92
CA GLY A 52 -10.79 26.68 34.48
C GLY A 52 -10.86 27.94 33.63
N PRO A 53 -10.04 28.96 33.93
CA PRO A 53 -10.11 30.25 33.23
C PRO A 53 -10.04 30.17 31.71
N GLY A 54 -10.95 30.87 31.04
CA GLY A 54 -10.95 30.93 29.59
C GLY A 54 -11.51 29.70 28.89
N ALA A 55 -11.98 28.73 29.66
CA ALA A 55 -12.47 27.46 29.11
C ALA A 55 -13.24 27.62 27.79
N ASP A 56 -14.15 28.59 27.73
CA ASP A 56 -15.06 28.75 26.59
C ASP A 56 -14.42 29.32 25.31
N GLU A 57 -13.23 29.92 25.42
CA GLU A 57 -12.55 30.46 24.23
C GLU A 57 -11.29 29.67 23.86
N PHE A 58 -11.24 28.44 24.39
CA PHE A 58 -10.25 27.43 24.02
C PHE A 58 -10.21 27.18 22.52
N GLU A 59 -9.01 27.24 21.97
CA GLU A 59 -8.77 26.86 20.59
C GLU A 59 -7.77 25.72 20.62
N GLY A 60 -7.97 24.70 19.78
CA GLY A 60 -7.05 23.58 19.74
C GLY A 60 -7.11 22.71 18.50
N THR A 61 -6.39 21.59 18.59
CA THR A 61 -6.42 20.55 17.58
C THR A 61 -6.68 19.20 18.29
N LEU A 62 -7.57 18.39 17.71
CA LEU A 62 -7.86 17.04 18.19
C LEU A 62 -7.43 16.00 17.15
N GLU A 63 -6.67 14.98 17.57
CA GLU A 63 -6.24 13.85 16.71
C GLU A 63 -6.62 12.49 17.29
N LEU A 64 -6.84 11.52 16.41
CA LEU A 64 -6.96 10.11 16.76
C LEU A 64 -6.09 9.30 15.78
N GLY A 65 -5.36 8.32 16.28
CA GLY A 65 -4.55 7.49 15.42
C GLY A 65 -3.95 6.29 16.13
N TYR A 66 -2.87 5.76 15.57
CA TYR A 66 -2.11 4.68 16.19
C TYR A 66 -0.63 4.73 15.78
N GLN A 67 0.23 4.18 16.63
CA GLN A 67 1.57 3.84 16.22
C GLN A 67 1.54 2.37 15.80
N ILE A 68 2.43 2.03 14.86
CA ILE A 68 2.62 0.66 14.36
C ILE A 68 4.08 0.26 14.50
N GLY A 69 4.34 -0.96 14.99
CA GLY A 69 5.68 -1.53 14.99
C GLY A 69 5.69 -3.02 14.64
N PHE A 70 6.68 -3.43 13.86
CA PHE A 70 6.98 -4.86 13.60
C PHE A 70 8.51 -4.99 13.52
N PRO A 71 9.08 -6.12 13.99
CA PRO A 71 10.56 -6.27 14.09
C PRO A 71 11.37 -6.40 12.78
N TRP A 72 10.85 -7.08 11.77
CA TRP A 72 11.63 -7.33 10.55
C TRP A 72 10.94 -6.87 9.28
N SER A 73 11.76 -6.33 8.38
CA SER A 73 11.41 -6.22 6.96
C SER A 73 11.74 -7.57 6.31
N LEU A 74 10.92 -7.94 5.33
CA LEU A 74 11.13 -9.16 4.56
C LEU A 74 10.82 -8.88 3.07
N GLY A 75 11.65 -9.41 2.19
CA GLY A 75 11.44 -9.36 0.75
C GLY A 75 11.75 -10.75 0.20
N VAL A 76 11.07 -11.14 -0.89
CA VAL A 76 11.29 -12.44 -1.52
C VAL A 76 11.41 -12.24 -3.03
N GLY A 77 12.40 -12.89 -3.66
CA GLY A 77 12.64 -12.74 -5.08
C GLY A 77 12.86 -14.11 -5.69
N ILE A 78 12.10 -14.44 -6.75
CA ILE A 78 12.29 -15.69 -7.49
C ILE A 78 12.60 -15.41 -8.94
N ASN A 79 13.73 -15.93 -9.42
CA ASN A 79 14.19 -15.72 -10.79
C ASN A 79 14.14 -16.98 -11.65
N PHE A 80 13.56 -16.88 -12.85
CA PHE A 80 13.67 -17.94 -13.85
C PHE A 80 14.64 -17.49 -14.94
N SER A 81 15.66 -18.31 -15.22
CA SER A 81 16.49 -17.98 -16.37
C SER A 81 16.88 -19.15 -17.28
N TYR A 82 17.06 -18.84 -18.55
CA TYR A 82 17.55 -19.78 -19.53
C TYR A 82 18.32 -19.01 -20.57
N THR A 83 19.43 -19.61 -20.99
CA THR A 83 20.28 -19.08 -22.03
C THR A 83 20.52 -20.15 -23.08
N THR A 84 20.30 -19.74 -24.31
CA THR A 84 20.52 -20.52 -25.51
C THR A 84 21.97 -21.09 -25.62
N PRO A 85 22.15 -22.33 -26.12
CA PRO A 85 23.48 -22.94 -26.17
C PRO A 85 24.49 -22.10 -26.95
N ASN A 86 25.72 -22.08 -26.45
CA ASN A 86 26.81 -21.33 -27.06
C ASN A 86 28.16 -21.93 -26.66
N ILE A 87 29.22 -21.50 -27.36
CA ILE A 87 30.59 -21.78 -26.93
C ILE A 87 31.48 -20.56 -27.10
N LEU A 88 32.44 -20.40 -26.18
CA LEU A 88 33.63 -19.58 -26.41
C LEU A 88 34.87 -20.48 -26.20
N ILE A 89 35.94 -20.18 -26.92
CA ILE A 89 37.19 -20.90 -26.72
C ILE A 89 37.99 -20.25 -25.61
N ASP A 90 38.43 -21.08 -24.67
CA ASP A 90 39.21 -20.64 -23.51
C ASP A 90 40.55 -21.39 -23.42
N ASP A 91 41.65 -20.66 -23.61
CA ASP A 91 43.02 -21.22 -23.63
C ASP A 91 43.19 -22.30 -24.69
N GLY A 92 42.61 -22.03 -25.86
CA GLY A 92 42.62 -22.93 -26.98
C GLY A 92 43.70 -22.60 -27.99
N ASP A 93 44.05 -23.63 -28.78
CA ASP A 93 45.11 -23.57 -29.78
C ASP A 93 44.43 -23.49 -31.16
N ILE A 94 44.49 -22.33 -31.80
CA ILE A 94 43.77 -22.16 -33.07
C ILE A 94 44.67 -22.35 -34.29
N THR A 95 45.89 -22.84 -34.07
CA THR A 95 46.87 -23.05 -35.15
C THR A 95 46.78 -24.46 -35.78
N ARG A 96 45.98 -25.35 -35.18
CA ARG A 96 45.98 -26.75 -35.57
C ARG A 96 44.72 -27.45 -35.05
N PRO A 97 44.28 -28.54 -35.68
CA PRO A 97 43.11 -29.28 -35.17
C PRO A 97 43.18 -29.60 -33.66
N PRO A 98 42.06 -29.59 -32.94
CA PRO A 98 40.75 -29.26 -33.50
C PRO A 98 40.41 -27.76 -33.24
N PHE A 99 41.40 -26.87 -33.43
CA PHE A 99 41.20 -25.43 -33.47
C PHE A 99 40.59 -24.79 -32.19
N GLY A 100 40.88 -25.41 -31.04
CA GLY A 100 40.46 -24.90 -29.77
C GLY A 100 39.14 -25.44 -29.27
N LEU A 101 38.48 -26.27 -30.08
CA LEU A 101 37.19 -26.86 -29.73
C LEU A 101 37.35 -27.97 -28.68
N ASN A 102 38.60 -28.30 -28.32
CA ASN A 102 38.91 -29.16 -27.18
C ASN A 102 38.96 -28.39 -25.84
N SER A 103 38.72 -27.08 -25.87
CA SER A 103 38.69 -26.26 -24.66
C SER A 103 37.68 -25.10 -24.76
N VAL A 104 36.41 -25.41 -24.54
CA VAL A 104 35.32 -24.43 -24.64
C VAL A 104 34.67 -24.17 -23.28
N ILE A 105 34.07 -22.98 -23.14
CA ILE A 105 33.13 -22.68 -22.07
C ILE A 105 31.70 -22.48 -22.65
N THR A 106 30.69 -23.03 -21.98
CA THR A 106 29.29 -22.82 -22.38
C THR A 106 28.56 -22.03 -21.28
N PRO A 107 27.35 -21.55 -21.59
CA PRO A 107 26.45 -21.07 -20.54
C PRO A 107 25.80 -22.26 -19.83
N ASN A 108 24.99 -22.02 -18.81
CA ASN A 108 24.23 -23.11 -18.18
C ASN A 108 23.38 -23.85 -19.23
N LEU A 109 23.43 -25.18 -19.19
CA LEU A 109 22.81 -25.96 -20.24
C LEU A 109 21.28 -26.17 -20.06
N PHE A 110 20.80 -26.02 -18.81
CA PHE A 110 19.39 -26.21 -18.48
C PHE A 110 18.74 -24.86 -18.09
N PRO A 111 17.42 -24.76 -18.19
CA PRO A 111 16.68 -23.69 -17.51
C PRO A 111 16.80 -23.84 -16.00
N GLY A 112 16.72 -22.71 -15.29
CA GLY A 112 16.94 -22.69 -13.87
C GLY A 112 16.09 -21.66 -13.13
N VAL A 113 15.74 -22.03 -11.90
CA VAL A 113 15.03 -21.14 -11.00
C VAL A 113 15.91 -20.96 -9.75
N SER A 114 15.91 -19.74 -9.21
CA SER A 114 16.56 -19.51 -7.93
C SER A 114 15.69 -18.60 -7.05
N ILE A 115 15.70 -18.87 -5.75
CA ILE A 115 14.95 -18.04 -4.81
C ILE A 115 15.90 -17.39 -3.82
N SER A 116 15.56 -16.15 -3.46
CA SER A 116 16.36 -15.31 -2.56
C SER A 116 15.41 -14.54 -1.59
N ALA A 117 15.46 -14.84 -0.31
CA ALA A 117 14.70 -14.11 0.70
C ALA A 117 15.63 -13.34 1.64
N ASP A 118 15.31 -12.05 1.82
CA ASP A 118 16.09 -11.17 2.67
C ASP A 118 15.29 -10.71 3.86
N LEU A 119 15.87 -10.93 5.04
CA LEU A 119 15.29 -10.46 6.29
C LEU A 119 16.26 -9.45 6.86
N GLY A 120 15.77 -8.24 7.18
CA GLY A 120 16.53 -7.24 7.90
C GLY A 120 15.76 -6.59 9.04
N ASN A 121 16.47 -5.88 9.94
CA ASN A 121 15.83 -5.11 10.99
C ASN A 121 14.79 -4.17 10.38
N GLY A 122 13.67 -3.98 11.09
CA GLY A 122 12.51 -3.25 10.58
C GLY A 122 12.64 -1.74 10.56
N PRO A 123 11.64 -1.06 10.02
CA PRO A 123 11.74 0.41 9.85
C PRO A 123 11.54 1.24 11.14
N GLY A 124 11.42 0.59 12.31
CA GLY A 124 11.19 1.28 13.56
C GLY A 124 9.71 1.55 13.80
N ILE A 125 9.40 2.52 14.67
CA ILE A 125 8.01 2.78 15.07
C ILE A 125 7.43 4.02 14.39
N GLN A 126 6.33 3.82 13.67
CA GLN A 126 5.71 4.89 12.88
C GLN A 126 4.41 5.40 13.50
N GLU A 127 4.04 6.66 13.24
CA GLU A 127 2.75 7.20 13.69
C GLU A 127 1.81 7.59 12.53
N VAL A 128 0.58 7.07 12.59
CA VAL A 128 -0.46 7.43 11.64
C VAL A 128 -1.55 8.26 12.34
N ALA A 129 -1.98 9.34 11.71
CA ALA A 129 -3.09 10.16 12.20
C ALA A 129 -4.37 9.90 11.37
N THR A 130 -5.29 9.11 11.92
CA THR A 130 -6.60 8.86 11.29
C THR A 130 -7.39 10.17 11.01
N PHE A 131 -7.38 11.12 11.95
CA PHE A 131 -7.85 12.49 11.69
C PHE A 131 -7.11 13.44 12.61
N SER A 132 -6.97 14.67 12.18
CA SER A 132 -6.34 15.72 12.96
C SER A 132 -7.06 17.02 12.56
N VAL A 133 -7.86 17.59 13.47
CA VAL A 133 -8.76 18.71 13.15
C VAL A 133 -8.85 19.79 14.22
N ASP A 134 -9.20 20.99 13.77
CA ASP A 134 -9.43 22.15 14.62
C ASP A 134 -10.70 22.00 15.44
N VAL A 135 -10.60 22.34 16.72
CA VAL A 135 -11.76 22.38 17.62
C VAL A 135 -11.70 23.69 18.40
N SER A 136 -12.86 24.23 18.76
CA SER A 136 -12.96 25.39 19.70
C SER A 136 -14.05 25.23 20.76
N GLY A 137 -13.91 25.97 21.87
CA GLY A 137 -14.85 25.83 22.98
C GLY A 137 -14.52 24.72 23.98
N ALA A 138 -15.33 24.63 25.03
CA ALA A 138 -15.00 23.80 26.20
C ALA A 138 -15.14 22.27 26.10
N GLU A 139 -15.92 21.76 25.13
CA GLU A 139 -16.17 20.31 24.95
C GLU A 139 -16.41 19.91 23.49
N GLY A 140 -16.09 18.65 23.17
CA GLY A 140 -16.17 18.02 21.84
C GLY A 140 -15.52 16.63 21.93
N GLY A 141 -15.54 15.84 20.86
CA GLY A 141 -15.99 16.31 19.59
C GLY A 141 -15.91 15.44 18.37
N VAL A 142 -15.03 14.46 18.26
CA VAL A 142 -14.95 13.79 16.92
C VAL A 142 -14.82 12.27 16.81
N ALA A 143 -15.53 11.70 15.84
CA ALA A 143 -15.74 10.27 15.72
C ALA A 143 -15.41 9.73 14.31
N VAL A 144 -14.94 8.48 14.25
CA VAL A 144 -14.60 7.83 12.99
C VAL A 144 -15.04 6.36 12.97
N SER A 145 -15.60 5.93 11.85
CA SER A 145 -16.00 4.54 11.68
C SER A 145 -15.35 3.98 10.41
N ASN A 146 -14.62 2.86 10.56
CA ASN A 146 -14.10 2.08 9.44
C ASN A 146 -13.07 2.81 8.56
N ALA A 147 -12.23 3.66 9.14
CA ALA A 147 -11.06 4.16 8.41
C ALA A 147 -10.07 3.03 8.16
N HIS A 148 -9.39 3.09 7.03
CA HIS A 148 -8.57 1.99 6.55
C HIS A 148 -7.06 2.24 6.81
N GLY A 149 -6.35 1.17 7.17
CA GLY A 149 -4.90 1.21 7.29
C GLY A 149 -4.24 -0.07 6.81
N THR A 150 -3.00 0.03 6.36
CA THR A 150 -2.27 -1.13 5.85
C THR A 150 -0.77 -0.94 5.85
N VAL A 151 -0.05 -2.06 5.83
CA VAL A 151 1.40 -2.06 5.70
C VAL A 151 1.85 -3.38 5.06
N THR A 152 2.93 -3.33 4.28
CA THR A 152 3.47 -4.55 3.65
C THR A 152 5.02 -4.70 3.79
N GLY A 153 5.55 -5.87 3.44
CA GLY A 153 6.97 -6.16 3.63
C GLY A 153 7.27 -6.37 5.11
N ALA A 154 6.29 -6.83 5.90
CA ALA A 154 6.42 -6.95 7.35
C ALA A 154 6.51 -8.38 7.83
N ALA A 155 7.30 -8.64 8.86
CA ALA A 155 7.38 -9.98 9.46
C ALA A 155 7.64 -9.92 10.97
N GLY A 156 7.23 -10.99 11.67
CA GLY A 156 7.43 -11.12 13.12
C GLY A 156 6.30 -10.49 13.96
N GLY A 157 5.20 -10.11 13.33
CA GLY A 157 4.02 -9.65 14.05
C GLY A 157 3.90 -8.14 14.08
N VAL A 158 2.73 -7.64 13.65
CA VAL A 158 2.43 -6.21 13.60
C VAL A 158 1.54 -5.77 14.78
N LEU A 159 2.03 -4.78 15.55
CA LEU A 159 1.36 -4.27 16.73
C LEU A 159 0.91 -2.81 16.50
N LEU A 160 -0.30 -2.52 16.94
CA LEU A 160 -0.92 -1.21 16.74
C LEU A 160 -1.28 -0.66 18.11
N ARG A 161 -0.78 0.54 18.41
CA ARG A 161 -1.07 1.23 19.68
C ARG A 161 -1.94 2.47 19.48
N PRO A 162 -3.23 2.42 19.79
CA PRO A 162 -4.12 3.59 19.55
C PRO A 162 -3.90 4.75 20.54
N PHE A 163 -4.03 5.98 20.06
CA PHE A 163 -3.94 7.18 20.90
C PHE A 163 -4.98 8.25 20.52
N ALA A 164 -5.24 9.17 21.47
CA ALA A 164 -5.91 10.43 21.15
C ALA A 164 -5.08 11.58 21.70
N ARG A 165 -5.00 12.67 20.95
CA ARG A 165 -4.15 13.81 21.29
C ARG A 165 -4.97 15.10 21.23
N LEU A 166 -4.77 15.97 22.22
CA LEU A 166 -5.28 17.33 22.19
C LEU A 166 -4.12 18.32 22.28
N ILE A 167 -3.98 19.16 21.26
CA ILE A 167 -3.02 20.27 21.27
C ILE A 167 -3.72 21.64 21.37
N ALA A 168 -3.44 22.38 22.44
CA ALA A 168 -3.94 23.75 22.59
C ALA A 168 -3.26 24.69 21.61
N SER A 169 -3.99 25.72 21.13
CA SER A 169 -3.45 26.70 20.18
C SER A 169 -2.32 27.49 20.82
N THR A 170 -2.13 27.18 22.08
CA THR A 170 -1.28 27.88 22.99
C THR A 170 0.02 27.05 23.19
N GLY A 171 0.02 25.83 22.66
CA GLY A 171 1.18 24.95 22.65
C GLY A 171 1.06 23.73 23.55
N ASP A 172 0.27 23.84 24.62
CA ASP A 172 0.07 22.74 25.57
C ASP A 172 -0.54 21.47 24.90
N SER A 173 -0.13 20.30 25.38
CA SER A 173 -0.65 19.07 24.79
C SER A 173 -0.70 17.90 25.76
N VAL A 174 -1.67 17.05 25.56
CA VAL A 174 -1.77 15.85 26.39
C VAL A 174 -2.21 14.78 25.44
N THR A 175 -1.60 13.61 25.53
CA THR A 175 -2.12 12.48 24.76
C THR A 175 -2.35 11.23 25.59
N THR A 176 -3.47 10.57 25.34
CA THR A 176 -3.80 9.33 26.02
C THR A 176 -3.58 8.12 25.12
N TYR A 177 -3.10 7.04 25.70
CA TYR A 177 -2.77 5.81 24.98
C TYR A 177 -3.59 4.62 25.45
N GLY A 178 -4.01 3.81 24.48
CA GLY A 178 -4.70 2.57 24.78
C GLY A 178 -3.80 1.35 24.72
N GLU A 179 -4.37 0.26 25.20
CA GLU A 179 -3.90 -1.09 25.03
C GLU A 179 -3.72 -1.47 23.54
N PRO A 180 -2.55 -2.02 23.17
CA PRO A 180 -2.28 -2.41 21.77
C PRO A 180 -3.08 -3.61 21.26
N TRP A 181 -3.31 -3.61 19.94
CA TRP A 181 -4.04 -4.67 19.21
C TRP A 181 -3.07 -5.40 18.27
N ASN A 182 -3.14 -6.73 18.27
CA ASN A 182 -2.22 -7.57 17.51
C ASN A 182 -2.79 -7.97 16.14
N MET A 183 -2.09 -7.58 15.08
CA MET A 183 -2.48 -7.91 13.72
C MET A 183 -1.82 -9.22 13.26
N ASN A 184 -1.18 -9.94 14.18
CA ASN A 184 -0.69 -11.27 13.83
C ASN A 184 -0.94 -12.53 14.63
N GLY B 1 -29.08 -0.93 -7.61
CA GLY B 1 -29.80 -0.64 -6.32
C GLY B 1 -28.82 -0.31 -5.21
N LEU B 2 -29.31 -0.27 -3.97
CA LEU B 2 -28.44 -0.10 -2.81
C LEU B 2 -27.54 -1.33 -2.59
N ASP B 3 -26.22 -1.14 -2.67
CA ASP B 3 -25.27 -2.24 -2.45
C ASP B 3 -24.90 -2.42 -0.97
N ASN B 4 -24.67 -1.31 -0.28
CA ASN B 4 -24.18 -1.32 1.10
C ASN B 4 -24.24 0.09 1.70
N GLU B 5 -24.16 0.13 3.03
CA GLU B 5 -24.56 1.29 3.79
C GLU B 5 -23.88 1.24 5.14
N LEU B 6 -23.55 2.40 5.70
CA LEU B 6 -23.11 2.48 7.11
C LEU B 6 -23.46 3.83 7.73
N SER B 7 -23.83 3.79 9.02
CA SER B 7 -24.23 4.97 9.77
C SER B 7 -23.33 5.20 10.99
N LEU B 8 -23.23 6.47 11.40
CA LEU B 8 -22.42 6.90 12.54
C LEU B 8 -23.08 8.08 13.27
N VAL B 9 -23.28 7.91 14.58
CA VAL B 9 -23.62 9.03 15.44
C VAL B 9 -22.30 9.79 15.67
N ASP B 10 -22.19 10.98 15.10
CA ASP B 10 -20.89 11.70 15.12
C ASP B 10 -20.65 12.44 16.44
N GLY B 11 -19.55 13.20 16.50
CA GLY B 11 -19.15 13.88 17.72
C GLY B 11 -19.99 15.07 18.17
N GLN B 12 -20.97 15.46 17.35
CA GLN B 12 -21.90 16.52 17.76
C GLN B 12 -23.34 16.10 17.58
N ASP B 13 -23.57 14.80 17.68
CA ASP B 13 -24.89 14.18 17.70
C ASP B 13 -25.68 14.19 16.37
N ARG B 14 -24.98 14.35 15.26
CA ARG B 14 -25.60 14.16 13.95
C ARG B 14 -25.47 12.69 13.58
N THR B 15 -26.51 12.14 12.96
CA THR B 15 -26.42 10.81 12.36
C THR B 15 -25.93 10.97 10.90
N LEU B 16 -24.79 10.35 10.59
CA LEU B 16 -24.21 10.45 9.26
C LEU B 16 -24.35 9.10 8.60
N THR B 17 -24.99 9.09 7.43
CA THR B 17 -25.14 7.85 6.67
C THR B 17 -24.51 8.06 5.29
N VAL B 18 -23.68 7.11 4.87
CA VAL B 18 -23.05 7.07 3.55
C VAL B 18 -23.47 5.75 2.88
N GLN B 19 -23.74 5.79 1.57
CA GLN B 19 -24.23 4.62 0.83
C GLN B 19 -23.55 4.44 -0.53
N GLN B 20 -23.48 3.18 -0.98
CA GLN B 20 -23.00 2.82 -2.32
C GLN B 20 -24.15 2.25 -3.12
N TRP B 21 -24.39 2.80 -4.31
CA TRP B 21 -25.43 2.31 -5.21
C TRP B 21 -24.86 1.91 -6.57
N ASP B 22 -25.52 0.97 -7.23
CA ASP B 22 -25.32 0.65 -8.64
C ASP B 22 -23.85 0.42 -8.98
N THR B 23 -23.10 -0.24 -8.08
CA THR B 23 -21.69 -0.40 -8.35
C THR B 23 -21.38 -1.50 -9.37
N PHE B 24 -20.56 -1.16 -10.35
CA PHE B 24 -20.15 -2.09 -11.38
C PHE B 24 -18.66 -1.83 -11.68
N LEU B 25 -17.85 -2.89 -11.55
CA LEU B 25 -16.45 -2.89 -11.95
C LEU B 25 -16.33 -3.85 -13.13
N ASN B 26 -16.15 -3.30 -14.32
CA ASN B 26 -16.16 -4.05 -15.56
C ASN B 26 -14.75 -4.35 -16.09
N GLY B 27 -14.25 -5.57 -15.85
CA GLY B 27 -12.93 -6.00 -16.29
C GLY B 27 -12.99 -6.24 -17.78
N VAL B 28 -11.99 -5.74 -18.52
CA VAL B 28 -11.93 -5.94 -19.97
C VAL B 28 -10.57 -6.51 -20.38
N PHE B 29 -10.51 -7.06 -21.58
CA PHE B 29 -9.24 -7.45 -22.17
C PHE B 29 -8.35 -6.19 -22.32
N PRO B 30 -7.11 -6.25 -21.82
CA PRO B 30 -6.25 -5.06 -21.76
C PRO B 30 -5.85 -4.53 -23.13
N LEU B 31 -6.07 -3.22 -23.33
CA LEU B 31 -5.65 -2.48 -24.52
C LEU B 31 -4.21 -2.81 -24.97
N ASP B 32 -3.32 -3.08 -24.02
CA ASP B 32 -1.91 -3.35 -24.33
C ASP B 32 -1.59 -4.82 -24.62
N ARG B 33 -2.61 -5.68 -24.55
CA ARG B 33 -2.48 -7.11 -24.77
C ARG B 33 -1.32 -7.75 -23.95
N ASN B 34 -1.18 -7.28 -22.71
CA ASN B 34 -0.04 -7.63 -21.83
C ASN B 34 -0.63 -8.47 -20.70
N ARG B 35 -0.14 -9.70 -20.55
CA ARG B 35 -0.72 -10.59 -19.53
C ARG B 35 -0.52 -10.11 -18.08
N LEU B 36 0.43 -9.19 -17.87
CA LEU B 36 0.65 -8.63 -16.53
C LEU B 36 -0.22 -7.37 -16.27
N THR B 37 -1.04 -7.00 -17.25
CA THR B 37 -1.89 -5.83 -17.16
C THR B 37 -3.34 -6.17 -16.85
N ARG B 38 -3.94 -5.37 -15.97
CA ARG B 38 -5.40 -5.43 -15.78
C ARG B 38 -6.02 -4.06 -16.03
N GLU B 39 -7.24 -4.05 -16.56
CA GLU B 39 -7.92 -2.84 -16.99
C GLU B 39 -9.43 -2.98 -16.75
N TRP B 40 -10.07 -1.90 -16.29
CA TRP B 40 -11.48 -1.94 -15.89
C TRP B 40 -12.17 -0.56 -15.91
N PHE B 41 -13.50 -0.60 -15.83
CA PHE B 41 -14.32 0.60 -15.79
C PHE B 41 -15.21 0.57 -14.57
N HIS B 42 -15.16 1.65 -13.81
CA HIS B 42 -15.91 1.80 -12.58
C HIS B 42 -17.15 2.68 -12.79
N SER B 43 -18.31 2.11 -12.51
CA SER B 43 -19.57 2.87 -12.44
C SER B 43 -20.18 2.71 -11.04
N GLY B 44 -20.91 3.75 -10.60
CA GLY B 44 -21.59 3.71 -9.32
C GLY B 44 -22.07 5.07 -8.83
N ARG B 45 -22.79 5.08 -7.68
CA ARG B 45 -23.17 6.34 -7.04
C ARG B 45 -22.86 6.28 -5.58
N ALA B 46 -22.44 7.42 -5.04
CA ALA B 46 -22.36 7.61 -3.59
C ALA B 46 -23.42 8.60 -3.14
N LYS B 47 -24.16 8.22 -2.11
CA LYS B 47 -25.15 9.10 -1.47
C LYS B 47 -24.86 9.28 0.03
N TYR B 48 -25.36 10.38 0.58
CA TYR B 48 -25.26 10.63 2.00
C TYR B 48 -26.55 11.27 2.52
N ILE B 49 -26.81 11.02 3.81
CA ILE B 49 -27.91 11.61 4.56
C ILE B 49 -27.35 12.10 5.89
N VAL B 50 -27.66 13.34 6.28
CA VAL B 50 -27.40 13.77 7.67
C VAL B 50 -28.63 14.25 8.46
N ALA B 51 -28.84 13.63 9.61
CA ALA B 51 -29.99 13.89 10.49
C ALA B 51 -29.51 14.41 11.84
N GLY B 52 -30.42 15.07 12.60
CA GLY B 52 -30.13 15.64 13.90
C GLY B 52 -29.79 17.13 13.85
N PRO B 53 -29.30 17.71 14.96
CA PRO B 53 -29.01 19.15 15.00
C PRO B 53 -28.05 19.67 13.94
N GLY B 54 -28.44 20.75 13.27
CA GLY B 54 -27.58 21.39 12.29
C GLY B 54 -27.58 20.70 10.92
N ALA B 55 -28.36 19.63 10.77
CA ALA B 55 -28.40 18.86 9.54
C ALA B 55 -28.30 19.69 8.25
N ASP B 56 -29.06 20.79 8.16
CA ASP B 56 -29.13 21.61 6.93
C ASP B 56 -27.89 22.45 6.64
N GLU B 57 -27.04 22.69 7.63
CA GLU B 57 -25.81 23.46 7.38
C GLU B 57 -24.55 22.58 7.42
N PHE B 58 -24.78 21.27 7.25
CA PHE B 58 -23.70 20.29 7.07
C PHE B 58 -22.80 20.64 5.90
N GLU B 59 -21.49 20.63 6.18
CA GLU B 59 -20.46 20.78 5.16
C GLU B 59 -19.58 19.53 5.20
N GLY B 60 -19.22 19.00 4.04
CA GLY B 60 -18.33 17.85 4.00
C GLY B 60 -17.75 17.53 2.65
N THR B 61 -17.16 16.34 2.58
CA THR B 61 -16.57 15.77 1.37
C THR B 61 -17.13 14.35 1.12
N LEU B 62 -17.49 14.06 -0.13
CA LEU B 62 -17.96 12.73 -0.59
C LEU B 62 -16.96 12.10 -1.55
N GLU B 63 -16.59 10.85 -1.33
CA GLU B 63 -15.68 10.10 -2.23
C GLU B 63 -16.28 8.76 -2.64
N LEU B 64 -15.91 8.30 -3.84
CA LEU B 64 -16.15 6.93 -4.29
C LEU B 64 -14.83 6.38 -4.89
N GLY B 65 -14.51 5.12 -4.60
CA GLY B 65 -13.32 4.53 -5.17
C GLY B 65 -13.17 3.05 -4.87
N TYR B 66 -11.94 2.56 -4.92
CA TYR B 66 -11.66 1.17 -4.58
C TYR B 66 -10.23 1.03 -4.05
N GLN B 67 -10.02 0.02 -3.22
CA GLN B 67 -8.69 -0.49 -2.97
C GLN B 67 -8.40 -1.63 -3.96
N ILE B 68 -7.12 -1.77 -4.29
CA ILE B 68 -6.63 -2.83 -5.17
C ILE B 68 -5.51 -3.61 -4.50
N GLY B 69 -5.54 -4.94 -4.59
CA GLY B 69 -4.40 -5.73 -4.14
C GLY B 69 -4.16 -6.96 -4.99
N PHE B 70 -2.88 -7.28 -5.22
CA PHE B 70 -2.43 -8.50 -5.90
C PHE B 70 -1.12 -8.95 -5.23
N PRO B 71 -0.89 -10.28 -5.07
CA PRO B 71 0.25 -10.79 -4.28
C PRO B 71 1.66 -10.59 -4.86
N TRP B 72 1.85 -10.69 -6.18
CA TRP B 72 3.21 -10.60 -6.74
C TRP B 72 3.37 -9.50 -7.79
N SER B 73 4.54 -8.86 -7.76
CA SER B 73 5.08 -8.16 -8.91
C SER B 73 5.81 -9.18 -9.81
N LEU B 74 5.69 -8.99 -11.10
CA LEU B 74 6.36 -9.81 -12.09
C LEU B 74 6.92 -8.90 -13.19
N GLY B 75 8.14 -9.19 -13.63
CA GLY B 75 8.78 -8.52 -14.76
C GLY B 75 9.43 -9.63 -15.58
N VAL B 76 9.56 -9.40 -16.90
CA VAL B 76 10.19 -10.36 -17.81
C VAL B 76 11.15 -9.59 -18.75
N GLY B 77 12.35 -10.13 -18.95
CA GLY B 77 13.34 -9.51 -19.80
C GLY B 77 13.90 -10.54 -20.77
N ILE B 78 13.99 -10.20 -22.05
CA ILE B 78 14.60 -11.11 -23.03
C ILE B 78 15.70 -10.37 -23.75
N ASN B 79 16.92 -10.91 -23.69
CA ASN B 79 18.08 -10.32 -24.36
C ASN B 79 18.56 -11.10 -25.60
N PHE B 80 18.78 -10.40 -26.71
CA PHE B 80 19.49 -10.98 -27.86
C PHE B 80 20.90 -10.37 -27.91
N SER B 81 21.93 -11.21 -28.01
CA SER B 81 23.24 -10.66 -28.21
C SER B 81 24.18 -11.45 -29.14
N TYR B 82 25.04 -10.71 -29.83
CA TYR B 82 26.04 -11.30 -30.69
C TYR B 82 27.25 -10.39 -30.68
N THR B 83 28.42 -11.02 -30.67
CA THR B 83 29.69 -10.32 -30.70
C THR B 83 30.51 -10.96 -31.80
N THR B 84 31.00 -10.08 -32.65
CA THR B 84 31.90 -10.35 -33.76
C THR B 84 33.18 -11.13 -33.30
N PRO B 85 33.69 -12.07 -34.12
CA PRO B 85 34.82 -12.94 -33.71
C PRO B 85 36.06 -12.16 -33.36
N ASN B 86 36.74 -12.60 -32.32
CA ASN B 86 37.96 -11.96 -31.85
C ASN B 86 38.84 -12.98 -31.12
N ILE B 87 40.07 -12.53 -30.80
CA ILE B 87 40.99 -13.30 -29.95
C ILE B 87 41.79 -12.39 -29.05
N LEU B 88 41.99 -12.80 -27.80
CA LEU B 88 43.06 -12.25 -26.95
C LEU B 88 43.99 -13.42 -26.56
N ILE B 89 45.27 -13.12 -26.34
CA ILE B 89 46.21 -14.13 -25.91
C ILE B 89 46.21 -14.20 -24.37
N ASP B 90 46.03 -15.42 -23.84
CA ASP B 90 45.99 -15.65 -22.42
C ASP B 90 47.06 -16.67 -21.99
N ASP B 91 48.01 -16.22 -21.16
CA ASP B 91 49.14 -17.05 -20.70
C ASP B 91 49.94 -17.63 -21.86
N GLY B 92 50.16 -16.77 -22.85
CA GLY B 92 50.83 -17.16 -24.07
C GLY B 92 52.29 -16.74 -24.08
N ASP B 93 53.08 -17.48 -24.87
CA ASP B 93 54.50 -17.26 -25.05
C ASP B 93 54.73 -16.47 -26.35
N ILE B 94 55.15 -15.21 -26.23
CA ILE B 94 55.31 -14.41 -27.46
C ILE B 94 56.76 -14.31 -27.94
N THR B 95 57.63 -15.13 -27.37
CA THR B 95 59.05 -15.11 -27.73
C THR B 95 59.39 -16.06 -28.88
N ARG B 96 58.46 -16.93 -29.27
CA ARG B 96 58.75 -18.02 -30.21
C ARG B 96 57.44 -18.55 -30.83
N PRO B 97 57.50 -19.20 -32.00
CA PRO B 97 56.27 -19.74 -32.63
C PRO B 97 55.47 -20.63 -31.68
N PRO B 98 54.13 -20.65 -31.75
CA PRO B 98 53.36 -19.79 -32.66
C PRO B 98 52.89 -18.48 -31.96
N PHE B 99 53.77 -17.87 -31.15
CA PHE B 99 53.57 -16.52 -30.60
C PHE B 99 52.30 -16.32 -29.76
N GLY B 100 51.89 -17.38 -29.06
CA GLY B 100 50.77 -17.32 -28.15
C GLY B 100 49.43 -17.67 -28.78
N LEU B 101 49.41 -17.93 -30.09
CA LEU B 101 48.17 -18.29 -30.77
C LEU B 101 47.73 -19.72 -30.43
N ASN B 102 48.53 -20.42 -29.61
CA ASN B 102 48.15 -21.72 -29.02
C ASN B 102 47.41 -21.57 -27.69
N SER B 103 47.15 -20.33 -27.27
CA SER B 103 46.41 -20.11 -26.04
C SER B 103 45.57 -18.82 -26.11
N VAL B 104 44.43 -18.90 -26.78
CA VAL B 104 43.59 -17.71 -26.99
C VAL B 104 42.25 -17.85 -26.27
N ILE B 105 41.63 -16.70 -26.00
CA ILE B 105 40.24 -16.59 -25.56
C ILE B 105 39.43 -15.82 -26.65
N THR B 106 38.25 -16.33 -26.96
CA THR B 106 37.32 -15.68 -27.88
C THR B 106 36.06 -15.24 -27.13
N PRO B 107 35.24 -14.41 -27.75
CA PRO B 107 33.87 -14.18 -27.28
C PRO B 107 32.99 -15.36 -27.66
N ASN B 108 31.73 -15.38 -27.21
CA ASN B 108 30.77 -16.40 -27.67
C ASN B 108 30.73 -16.44 -29.20
N LEU B 109 30.80 -17.64 -29.78
CA LEU B 109 30.93 -17.77 -31.23
C LEU B 109 29.60 -17.67 -31.99
N PHE B 110 28.49 -17.94 -31.29
CA PHE B 110 27.18 -17.88 -31.89
C PHE B 110 26.35 -16.66 -31.36
N PRO B 111 25.34 -16.22 -32.11
CA PRO B 111 24.28 -15.37 -31.54
C PRO B 111 23.51 -16.13 -30.43
N GLY B 112 22.98 -15.40 -29.47
CA GLY B 112 22.32 -16.01 -28.33
C GLY B 112 21.17 -15.18 -27.77
N VAL B 113 20.21 -15.89 -27.18
CA VAL B 113 19.05 -15.28 -26.56
C VAL B 113 19.02 -15.81 -25.12
N SER B 114 18.70 -14.93 -24.18
CA SER B 114 18.46 -15.38 -22.80
C SER B 114 17.20 -14.73 -22.24
N ILE B 115 16.47 -15.48 -21.42
CA ILE B 115 15.31 -14.93 -20.78
C ILE B 115 15.48 -14.92 -19.26
N SER B 116 14.94 -13.88 -18.63
CA SER B 116 15.02 -13.71 -17.18
C SER B 116 13.65 -13.18 -16.66
N ALA B 117 12.97 -13.96 -15.82
CA ALA B 117 11.73 -13.49 -15.19
C ALA B 117 11.91 -13.39 -13.67
N ASP B 118 11.48 -12.27 -13.12
CA ASP B 118 11.59 -11.97 -11.69
C ASP B 118 10.24 -11.83 -11.07
N LEU B 119 10.02 -12.62 -10.02
CA LEU B 119 8.79 -12.59 -9.25
C LEU B 119 9.19 -12.18 -7.85
N GLY B 120 8.54 -11.14 -7.31
CA GLY B 120 8.75 -10.66 -5.94
C GLY B 120 7.45 -10.29 -5.23
N ASN B 121 7.48 -10.19 -3.91
CA ASN B 121 6.30 -9.78 -3.14
C ASN B 121 5.77 -8.47 -3.73
N GLY B 122 4.44 -8.32 -3.80
CA GLY B 122 3.77 -7.19 -4.41
C GLY B 122 3.85 -5.86 -3.67
N PRO B 123 3.34 -4.79 -4.30
CA PRO B 123 3.43 -3.44 -3.70
C PRO B 123 2.51 -3.16 -2.50
N GLY B 124 1.74 -4.15 -2.05
CA GLY B 124 0.80 -3.96 -0.94
C GLY B 124 -0.58 -3.53 -1.40
N ILE B 125 -1.36 -2.93 -0.49
CA ILE B 125 -2.73 -2.50 -0.83
C ILE B 125 -2.82 -1.00 -1.07
N GLN B 126 -3.33 -0.64 -2.23
CA GLN B 126 -3.42 0.76 -2.66
C GLN B 126 -4.87 1.29 -2.73
N GLU B 127 -5.05 2.60 -2.55
CA GLU B 127 -6.38 3.21 -2.66
C GLU B 127 -6.51 4.19 -3.83
N VAL B 128 -7.53 3.99 -4.67
CA VAL B 128 -7.84 4.95 -5.72
C VAL B 128 -9.18 5.70 -5.41
N ALA B 129 -9.17 7.00 -5.59
CA ALA B 129 -10.39 7.80 -5.43
C ALA B 129 -10.91 8.18 -6.83
N THR B 130 -11.99 7.52 -7.27
CA THR B 130 -12.66 7.86 -8.53
C THR B 130 -13.16 9.31 -8.58
N PHE B 131 -13.74 9.80 -7.48
CA PHE B 131 -13.98 11.23 -7.28
C PHE B 131 -13.93 11.55 -5.81
N SER B 132 -13.66 12.81 -5.48
CA SER B 132 -13.61 13.28 -4.11
C SER B 132 -14.00 14.76 -4.13
N VAL B 133 -15.19 15.09 -3.63
CA VAL B 133 -15.80 16.42 -3.88
C VAL B 133 -16.54 16.97 -2.68
N ASP B 134 -16.62 18.30 -2.65
CA ASP B 134 -17.35 19.04 -1.63
C ASP B 134 -18.85 18.89 -1.80
N VAL B 135 -19.54 18.61 -0.70
CA VAL B 135 -21.01 18.62 -0.64
C VAL B 135 -21.46 19.51 0.53
N SER B 136 -22.66 20.09 0.44
CA SER B 136 -23.32 20.76 1.61
C SER B 136 -24.81 20.48 1.72
N GLY B 137 -25.37 20.67 2.92
CA GLY B 137 -26.76 20.37 3.17
C GLY B 137 -27.03 18.92 3.54
N ALA B 138 -28.29 18.60 3.86
CA ALA B 138 -28.65 17.32 4.49
C ALA B 138 -28.66 16.05 3.62
N GLU B 139 -28.73 16.18 2.28
CA GLU B 139 -28.79 15.01 1.37
C GLU B 139 -28.13 15.29 0.02
N GLY B 140 -27.59 14.21 -0.59
CA GLY B 140 -26.90 14.18 -1.89
C GLY B 140 -26.31 12.77 -2.11
N GLY B 141 -25.63 12.51 -3.22
CA GLY B 141 -25.34 13.54 -4.18
C GLY B 141 -24.57 13.20 -5.43
N VAL B 142 -23.74 12.15 -5.48
CA VAL B 142 -22.87 12.04 -6.69
C VAL B 142 -22.63 10.68 -7.37
N ALA B 143 -22.67 10.73 -8.72
CA ALA B 143 -22.70 9.54 -9.57
C ALA B 143 -21.59 9.55 -10.63
N VAL B 144 -21.15 8.34 -11.02
CA VAL B 144 -20.10 8.18 -12.03
C VAL B 144 -20.40 7.01 -12.94
N SER B 145 -20.17 7.20 -14.23
CA SER B 145 -20.33 6.11 -15.18
C SER B 145 -19.04 5.96 -16.01
N ASN B 146 -18.48 4.73 -16.01
CA ASN B 146 -17.40 4.32 -16.93
C ASN B 146 -16.06 5.01 -16.68
N ALA B 147 -15.73 5.32 -15.41
CA ALA B 147 -14.39 5.80 -15.07
C ALA B 147 -13.39 4.67 -15.27
N HIS B 148 -12.20 5.03 -15.71
CA HIS B 148 -11.19 4.07 -16.12
C HIS B 148 -10.17 3.84 -15.02
N GLY B 149 -9.73 2.58 -14.90
CA GLY B 149 -8.64 2.20 -14.00
C GLY B 149 -7.81 1.05 -14.57
N THR B 150 -6.52 1.04 -14.21
CA THR B 150 -5.60 0.03 -14.70
C THR B 150 -4.41 -0.15 -13.76
N VAL B 151 -3.75 -1.31 -13.88
CA VAL B 151 -2.50 -1.61 -13.19
C VAL B 151 -1.72 -2.65 -14.01
N THR B 152 -0.39 -2.58 -13.98
CA THR B 152 0.45 -3.53 -14.72
C THR B 152 1.62 -4.08 -13.88
N GLY B 153 2.29 -5.13 -14.37
CA GLY B 153 3.35 -5.75 -13.61
C GLY B 153 2.76 -6.61 -12.50
N ALA B 154 1.54 -7.12 -12.70
CA ALA B 154 0.82 -7.82 -11.64
C ALA B 154 0.63 -9.30 -11.92
N ALA B 155 0.68 -10.10 -10.85
CA ALA B 155 0.48 -11.54 -10.96
C ALA B 155 -0.22 -12.12 -9.73
N GLY B 156 -0.92 -13.24 -9.94
CA GLY B 156 -1.58 -13.95 -8.87
C GLY B 156 -3.01 -13.48 -8.58
N GLY B 157 -3.59 -12.67 -9.46
CA GLY B 157 -5.00 -12.27 -9.29
C GLY B 157 -5.20 -10.91 -8.61
N VAL B 158 -5.96 -10.05 -9.27
CA VAL B 158 -6.14 -8.65 -8.86
C VAL B 158 -7.54 -8.47 -8.31
N LEU B 159 -7.61 -8.05 -7.04
CA LEU B 159 -8.88 -7.84 -6.35
C LEU B 159 -9.11 -6.33 -6.10
N LEU B 160 -10.36 -5.92 -6.20
CA LEU B 160 -10.79 -4.52 -6.18
C LEU B 160 -11.92 -4.40 -5.18
N ARG B 161 -11.72 -3.62 -4.13
CA ARG B 161 -12.71 -3.44 -3.06
C ARG B 161 -13.35 -2.07 -3.10
N PRO B 162 -14.59 -1.95 -3.56
CA PRO B 162 -15.23 -0.62 -3.68
C PRO B 162 -15.67 -0.02 -2.34
N PHE B 163 -15.52 1.29 -2.20
CA PHE B 163 -15.98 2.01 -1.01
C PHE B 163 -16.65 3.36 -1.33
N ALA B 164 -17.43 3.88 -0.38
CA ALA B 164 -17.88 5.28 -0.39
C ALA B 164 -17.60 5.87 0.98
N ARG B 165 -17.13 7.11 0.99
CA ARG B 165 -16.67 7.77 2.21
C ARG B 165 -17.34 9.16 2.31
N LEU B 166 -17.76 9.51 3.52
CA LEU B 166 -18.21 10.87 3.83
C LEU B 166 -17.36 11.38 4.96
N ILE B 167 -16.69 12.51 4.72
CA ILE B 167 -15.94 13.26 5.74
C ILE B 167 -16.61 14.60 6.06
N ALA B 168 -17.07 14.77 7.30
CA ALA B 168 -17.59 16.06 7.77
C ALA B 168 -16.50 17.13 7.86
N SER B 169 -16.84 18.40 7.60
CA SER B 169 -15.87 19.50 7.60
C SER B 169 -15.32 19.64 9.01
N THR B 170 -15.98 18.91 9.87
CA THR B 170 -15.82 18.99 11.30
C THR B 170 -14.84 17.90 11.79
N GLY B 171 -14.49 16.97 10.88
CA GLY B 171 -13.49 15.94 11.14
C GLY B 171 -14.06 14.54 11.09
N ASP B 172 -15.32 14.37 11.49
CA ASP B 172 -15.98 13.06 11.54
C ASP B 172 -16.03 12.34 10.19
N SER B 173 -15.88 11.01 10.20
CA SER B 173 -15.96 10.25 8.95
C SER B 173 -16.53 8.86 9.10
N VAL B 174 -17.24 8.43 8.06
CA VAL B 174 -17.76 7.07 8.01
C VAL B 174 -17.48 6.59 6.59
N THR B 175 -17.02 5.35 6.46
CA THR B 175 -16.96 4.77 5.13
C THR B 175 -17.58 3.37 5.05
N THR B 176 -18.31 3.13 3.98
CA THR B 176 -18.95 1.84 3.74
C THR B 176 -18.21 1.05 2.65
N TYR B 177 -18.13 -0.25 2.80
CA TYR B 177 -17.37 -1.09 1.89
C TYR B 177 -18.26 -2.13 1.23
N GLY B 178 -17.94 -2.44 -0.03
CA GLY B 178 -18.68 -3.45 -0.74
C GLY B 178 -17.87 -4.73 -0.81
N GLU B 179 -18.54 -5.77 -1.26
CA GLU B 179 -17.96 -7.01 -1.73
C GLU B 179 -16.93 -6.76 -2.89
N PRO B 180 -15.75 -7.37 -2.79
CA PRO B 180 -14.72 -7.26 -3.83
C PRO B 180 -15.02 -7.97 -5.16
N TRP B 181 -14.46 -7.40 -6.23
CA TRP B 181 -14.63 -7.87 -7.60
C TRP B 181 -13.28 -8.40 -8.12
N ASN B 182 -13.32 -9.55 -8.78
CA ASN B 182 -12.12 -10.25 -9.22
C ASN B 182 -11.76 -9.94 -10.65
N MET B 183 -10.59 -9.35 -10.86
CA MET B 183 -10.12 -9.02 -12.20
C MET B 183 -9.29 -10.14 -12.80
N ASN B 184 -9.25 -11.28 -12.13
CA ASN B 184 -8.66 -12.47 -12.74
C ASN B 184 -9.49 -13.76 -12.79
#